data_7Q7Z
#
_entry.id   7Q7Z
#
_cell.length_a   117.861
_cell.length_b   117.861
_cell.length_c   83.275
_cell.angle_alpha   90.00
_cell.angle_beta   90.00
_cell.angle_gamma   90.00
#
_symmetry.space_group_name_H-M   'P 41 2 2'
#
loop_
_entity.id
_entity.type
_entity.pdbx_description
1 polymer 'RNA 1'
2 polymer 'RNA 2'
3 polymer 'RNA 3'
4 non-polymer 'MAGNESIUM ION'
5 non-polymer GUANINE
6 water water
#
loop_
_entity_poly.entity_id
_entity_poly.type
_entity_poly.pdbx_seq_one_letter_code
_entity_poly.pdbx_strand_id
1 'polyribonucleotide' CCACUG(9SI)GAGCUUC A,D
2 'polyribonucleotide' GGAAGCUCUGACCGACCCCCAGCC B,E
3 'polyribonucleotide' GCUGGGACAACUAGACAUACAGUG C,F
#